data_8V7R
#
_entry.id   8V7R
#
_cell.length_a   53.970
_cell.length_b   68.680
_cell.length_c   57.150
_cell.angle_alpha   90.00
_cell.angle_beta   92.42
_cell.angle_gamma   90.00
#
_symmetry.space_group_name_H-M   'P 1 21 1'
#
loop_
_entity.id
_entity.type
_entity.pdbx_description
1 polymer 'Zika virus NS3 helicase domain'
2 non-polymer 1,2-ETHANEDIOL
3 non-polymer 'PHOSPHATE ION'
4 non-polymer (5R)-5-[2-(4-methoxyphenyl)ethyl]-5-methylimidazolidine-2,4-dione
5 non-polymer 'DIMETHYL SULFOXIDE'
6 water water
#
_entity_poly.entity_id   1
_entity_poly.type   'polypeptide(L)'
_entity_poly.pdbx_seq_one_letter_code
;MLKKKQLTVLDLHPGAGKTRRVLPEIVREAIKKRLRTVILAPTRVVAAEMEEALRGLPVRYMTTAVNVTHSGTEIVDLMC
HATFTSRLLQPIRVPNYNLNIMDEAHFTDPSSIAARGYISTRVEMGEAAAIFMTATPPGTRDAFPDSNSPIMDTEVEVPE
RAWSSGFDWVTDHSGKTVWFVPSVRNGNEIAACLTKAGKRVIQLSRKTFETEFQKTKNQEWDFVITTDISEMGANFKADR
VIDSRRCLKPVILDGERVILAGPMPVTHASAAQRRGRIGRNPNKPGDEYMYGGGCAETDEGHAHWLEARMLLDNIYLQDG
LIASLYRPEADKVAAIEGEFKLRTEQRKTFVELMKRGDLPVWLAYQVASAGITYTDRRWCFDGTTNNTIMEDSVPAEVWT
KYGEKRVLKPRWMDARVCSDHAALKSFKEFAAGKR
;
_entity_poly.pdbx_strand_id   A
#
# COMPACT_ATOMS: atom_id res chain seq x y z
N MET A 1 -24.88 -4.17 11.45
CA MET A 1 -23.90 -3.79 10.41
C MET A 1 -24.26 -4.47 9.07
N LEU A 2 -24.90 -5.65 9.13
CA LEU A 2 -24.89 -6.62 8.01
C LEU A 2 -26.01 -6.33 7.00
N LYS A 3 -26.92 -5.37 7.30
CA LYS A 3 -28.10 -4.92 6.47
C LYS A 3 -27.69 -4.14 5.20
N LYS A 4 -28.37 -4.41 4.07
CA LYS A 4 -28.11 -3.71 2.79
C LYS A 4 -28.11 -2.20 3.05
N LYS A 5 -27.43 -1.47 2.17
CA LYS A 5 -27.31 0.02 2.18
C LYS A 5 -26.51 0.48 3.41
N GLN A 6 -25.90 -0.42 4.19
CA GLN A 6 -25.12 0.05 5.35
C GLN A 6 -23.62 -0.02 5.03
N LEU A 7 -22.93 1.11 5.14
CA LEU A 7 -21.45 1.14 5.26
C LEU A 7 -21.09 1.56 6.69
N THR A 8 -20.48 0.67 7.42
CA THR A 8 -20.02 0.90 8.81
C THR A 8 -18.52 1.12 8.83
N VAL A 9 -18.07 2.18 9.47
CA VAL A 9 -16.64 2.44 9.72
C VAL A 9 -16.40 1.97 11.14
N LEU A 10 -15.72 0.87 11.26
CA LEU A 10 -15.26 0.30 12.51
C LEU A 10 -13.93 0.96 12.78
N ASP A 11 -13.95 2.02 13.63
CA ASP A 11 -12.83 2.96 13.86
C ASP A 11 -12.32 2.80 15.29
N LEU A 12 -12.40 1.59 15.83
CA LEU A 12 -11.74 1.30 17.13
C LEU A 12 -10.25 1.65 17.03
N HIS A 13 -9.68 2.12 18.14
CA HIS A 13 -8.26 2.52 18.20
C HIS A 13 -7.33 1.37 17.77
N PRO A 14 -6.08 1.70 17.37
CA PRO A 14 -5.11 0.67 17.02
C PRO A 14 -4.92 -0.39 18.14
N GLY A 15 -4.97 -1.68 17.82
CA GLY A 15 -4.80 -2.78 18.79
C GLY A 15 -6.06 -3.10 19.59
N ALA A 16 -7.19 -2.47 19.30
CA ALA A 16 -8.46 -2.70 20.05
C ALA A 16 -9.08 -4.08 19.74
N GLY A 17 -8.59 -4.84 18.76
CA GLY A 17 -9.06 -6.21 18.44
C GLY A 17 -9.99 -6.28 17.22
N LYS A 18 -9.98 -5.28 16.35
CA LYS A 18 -10.87 -5.30 15.15
C LYS A 18 -10.63 -6.61 14.37
N THR A 19 -9.39 -7.01 14.18
CA THR A 19 -9.07 -8.21 13.37
C THR A 19 -9.33 -9.49 14.20
N ARG A 20 -8.82 -9.60 15.42
CA ARG A 20 -8.75 -10.90 16.14
C ARG A 20 -10.04 -11.18 16.93
N ARG A 21 -10.82 -10.17 17.27
CA ARG A 21 -12.03 -10.32 18.12
C ARG A 21 -13.28 -10.04 17.29
N VAL A 22 -13.33 -8.88 16.64
CA VAL A 22 -14.58 -8.35 16.03
C VAL A 22 -14.81 -9.12 14.72
N LEU A 23 -13.78 -9.23 13.89
CA LEU A 23 -13.95 -9.89 12.56
C LEU A 23 -14.58 -11.29 12.69
N PRO A 24 -14.11 -12.25 13.55
CA PRO A 24 -14.72 -13.57 13.63
C PRO A 24 -16.21 -13.55 14.01
N GLU A 25 -16.60 -12.58 14.82
CA GLU A 25 -18.02 -12.38 15.21
C GLU A 25 -18.84 -11.95 13.99
N ILE A 26 -18.34 -10.97 13.23
CA ILE A 26 -18.98 -10.54 11.97
C ILE A 26 -19.09 -11.75 11.05
N VAL A 27 -18.03 -12.52 10.84
CA VAL A 27 -18.03 -13.69 9.91
C VAL A 27 -19.06 -14.76 10.36
N ARG A 28 -19.09 -15.12 11.63
CA ARG A 28 -20.09 -16.10 12.11
C ARG A 28 -21.51 -15.65 11.77
N GLU A 29 -21.81 -14.37 12.04
CA GLU A 29 -23.16 -13.81 11.77
C GLU A 29 -23.45 -13.81 10.28
N ALA A 30 -22.46 -13.46 9.46
CA ALA A 30 -22.66 -13.47 8.00
C ALA A 30 -23.02 -14.87 7.46
N ILE A 31 -22.34 -15.93 7.92
CA ILE A 31 -22.57 -17.33 7.49
C ILE A 31 -23.99 -17.76 7.92
N LYS A 32 -24.38 -17.38 9.14
CA LYS A 32 -25.71 -17.70 9.72
C LYS A 32 -26.78 -17.10 8.80
N LYS A 33 -26.53 -15.84 8.37
CA LYS A 33 -27.49 -15.11 7.51
C LYS A 33 -27.31 -15.47 6.03
N ARG A 34 -26.39 -16.37 5.61
CA ARG A 34 -26.20 -16.82 4.22
C ARG A 34 -25.92 -15.57 3.36
N LEU A 35 -25.05 -14.70 3.89
CA LEU A 35 -24.55 -13.53 3.11
C LEU A 35 -23.24 -13.93 2.46
N ARG A 36 -23.20 -13.87 1.12
CA ARG A 36 -21.94 -14.08 0.38
C ARG A 36 -21.01 -12.93 0.78
N THR A 37 -19.86 -13.24 1.34
CA THR A 37 -19.03 -12.22 2.05
C THR A 37 -17.62 -12.25 1.49
N VAL A 38 -17.04 -11.07 1.31
CA VAL A 38 -15.60 -10.96 1.00
C VAL A 38 -14.94 -10.25 2.16
N ILE A 39 -13.75 -10.75 2.51
CA ILE A 39 -12.82 -10.15 3.48
C ILE A 39 -11.58 -9.75 2.71
N LEU A 40 -11.19 -8.49 2.82
CA LEU A 40 -10.06 -7.92 2.06
C LEU A 40 -8.90 -7.61 3.00
N ALA A 41 -7.81 -8.32 2.86
CA ALA A 41 -6.56 -8.14 3.62
C ALA A 41 -5.60 -7.25 2.83
N PRO A 42 -4.88 -6.32 3.47
CA PRO A 42 -3.98 -5.46 2.70
C PRO A 42 -2.75 -6.21 2.15
N THR A 43 -2.27 -7.22 2.86
CA THR A 43 -1.05 -8.00 2.53
C THR A 43 -1.28 -9.49 2.76
N ARG A 44 -0.40 -10.31 2.20
CA ARG A 44 -0.41 -11.78 2.42
C ARG A 44 -0.09 -12.05 3.88
N VAL A 45 0.80 -11.26 4.49
CA VAL A 45 1.11 -11.40 5.94
C VAL A 45 -0.21 -11.29 6.70
N VAL A 46 -1.03 -10.27 6.45
CA VAL A 46 -2.29 -10.12 7.20
C VAL A 46 -3.24 -11.25 6.80
N ALA A 47 -3.29 -11.68 5.56
CA ALA A 47 -4.17 -12.80 5.14
C ALA A 47 -3.86 -14.03 6.02
N ALA A 48 -2.57 -14.36 6.18
CA ALA A 48 -2.16 -15.53 7.01
C ALA A 48 -2.54 -15.32 8.47
N GLU A 49 -2.38 -14.12 9.02
CA GLU A 49 -2.85 -13.83 10.40
C GLU A 49 -4.37 -13.99 10.53
N MET A 50 -5.10 -13.64 9.49
CA MET A 50 -6.58 -13.75 9.56
C MET A 50 -6.97 -15.21 9.60
N GLU A 51 -6.28 -16.05 8.84
CA GLU A 51 -6.54 -17.50 8.89
C GLU A 51 -6.45 -17.98 10.35
N GLU A 52 -5.48 -17.51 11.13
CA GLU A 52 -5.36 -17.91 12.58
C GLU A 52 -6.56 -17.43 13.38
N ALA A 53 -7.03 -16.22 13.14
CA ALA A 53 -8.17 -15.60 13.87
C ALA A 53 -9.49 -16.30 13.49
N LEU A 54 -9.57 -16.83 12.28
CA LEU A 54 -10.83 -17.35 11.68
C LEU A 54 -10.80 -18.88 11.64
N ARG A 55 -9.81 -19.52 12.26
CA ARG A 55 -9.61 -20.98 12.10
C ARG A 55 -10.87 -21.75 12.53
N GLY A 56 -11.23 -22.77 11.75
CA GLY A 56 -12.47 -23.55 11.95
C GLY A 56 -13.73 -22.76 11.62
N LEU A 57 -13.61 -21.56 11.01
CA LEU A 57 -14.77 -20.95 10.31
C LEU A 57 -14.63 -21.26 8.83
N PRO A 58 -15.74 -21.52 8.12
CA PRO A 58 -15.67 -21.90 6.71
C PRO A 58 -15.39 -20.69 5.78
N VAL A 59 -14.12 -20.49 5.51
CA VAL A 59 -13.62 -19.33 4.71
C VAL A 59 -12.78 -19.89 3.58
N ARG A 60 -12.96 -19.39 2.35
CA ARG A 60 -12.15 -19.75 1.19
C ARG A 60 -11.03 -18.73 1.08
N TYR A 61 -9.80 -19.16 1.27
CA TYR A 61 -8.61 -18.25 1.24
C TYR A 61 -8.09 -18.21 -0.19
N MET A 62 -8.39 -17.09 -0.87
CA MET A 62 -8.04 -16.91 -2.30
C MET A 62 -6.66 -16.29 -2.37
N THR A 63 -5.69 -17.05 -1.88
CA THR A 63 -4.29 -16.63 -1.76
C THR A 63 -3.49 -17.92 -1.57
N THR A 64 -2.31 -18.00 -2.16
CA THR A 64 -1.37 -19.11 -1.86
C THR A 64 -0.65 -18.83 -0.53
N ALA A 65 -0.95 -17.74 0.18
CA ALA A 65 -0.28 -17.41 1.46
C ALA A 65 -0.70 -18.36 2.60
N VAL A 66 -1.81 -19.07 2.39
CA VAL A 66 -2.52 -19.89 3.40
C VAL A 66 -2.52 -21.32 2.85
N ASN A 67 -2.05 -22.29 3.63
CA ASN A 67 -2.14 -23.74 3.32
C ASN A 67 -3.37 -24.27 4.04
N VAL A 68 -4.53 -24.28 3.36
CA VAL A 68 -5.78 -24.86 3.91
C VAL A 68 -6.41 -25.68 2.78
N THR A 69 -7.09 -26.76 3.13
CA THR A 69 -7.89 -27.60 2.20
C THR A 69 -9.34 -27.16 2.38
N HIS A 70 -9.91 -26.54 1.35
CA HIS A 70 -11.29 -26.00 1.38
C HIS A 70 -12.30 -27.14 1.23
N SER A 71 -13.50 -26.95 1.79
CA SER A 71 -14.67 -27.85 1.64
C SER A 71 -15.28 -27.69 0.25
N GLY A 72 -15.17 -26.50 -0.35
CA GLY A 72 -15.81 -26.17 -1.64
C GLY A 72 -17.17 -25.54 -1.41
N THR A 73 -17.67 -25.55 -0.18
CA THR A 73 -19.02 -24.98 0.12
C THR A 73 -18.92 -23.64 0.88
N GLU A 74 -17.74 -23.03 0.98
CA GLU A 74 -17.63 -21.78 1.77
C GLU A 74 -18.34 -20.63 1.01
N ILE A 75 -19.00 -19.77 1.75
CA ILE A 75 -19.65 -18.56 1.16
C ILE A 75 -18.93 -17.29 1.64
N VAL A 76 -17.82 -17.45 2.33
CA VAL A 76 -16.95 -16.32 2.71
C VAL A 76 -15.63 -16.51 1.99
N ASP A 77 -15.20 -15.45 1.29
CA ASP A 77 -13.93 -15.46 0.57
C ASP A 77 -13.02 -14.45 1.24
N LEU A 78 -11.75 -14.74 1.27
CA LEU A 78 -10.74 -13.80 1.75
C LEU A 78 -9.71 -13.63 0.64
N MET A 79 -9.42 -12.39 0.30
CA MET A 79 -8.33 -12.14 -0.67
C MET A 79 -7.67 -10.83 -0.32
N CYS A 80 -6.56 -10.54 -0.96
CA CYS A 80 -5.91 -9.20 -0.79
C CYS A 80 -6.68 -8.08 -1.49
N HIS A 81 -6.53 -6.86 -0.97
CA HIS A 81 -7.17 -5.68 -1.62
C HIS A 81 -6.88 -5.68 -3.12
N ALA A 82 -5.61 -5.89 -3.45
CA ALA A 82 -5.15 -5.76 -4.82
C ALA A 82 -5.72 -6.88 -5.68
N THR A 83 -5.91 -8.06 -5.10
CA THR A 83 -6.50 -9.21 -5.80
C THR A 83 -7.95 -8.87 -6.20
N PHE A 84 -8.69 -8.26 -5.28
CA PHE A 84 -10.11 -7.89 -5.49
C PHE A 84 -10.18 -6.94 -6.68
N THR A 85 -9.40 -5.85 -6.65
CA THR A 85 -9.46 -4.90 -7.76
C THR A 85 -8.93 -5.52 -9.05
N SER A 86 -7.91 -6.33 -8.98
CA SER A 86 -7.38 -7.04 -10.14
C SER A 86 -8.46 -7.86 -10.82
N ARG A 87 -9.17 -8.66 -10.02
CA ARG A 87 -10.20 -9.58 -10.56
C ARG A 87 -11.36 -8.78 -11.11
N LEU A 88 -11.70 -7.64 -10.54
CA LEU A 88 -12.76 -6.76 -11.10
C LEU A 88 -12.33 -6.30 -12.50
N LEU A 89 -11.06 -5.97 -12.67
CA LEU A 89 -10.57 -5.40 -13.95
C LEU A 89 -10.55 -6.45 -15.06
N GLN A 90 -10.21 -7.67 -14.72
CA GLN A 90 -10.05 -8.81 -15.65
C GLN A 90 -11.41 -9.43 -16.02
N PRO A 91 -11.39 -10.21 -17.12
CA PRO A 91 -12.52 -11.03 -17.56
C PRO A 91 -12.63 -12.29 -16.70
N ILE A 92 -12.84 -12.03 -15.42
CA ILE A 92 -12.94 -13.02 -14.30
C ILE A 92 -14.24 -12.65 -13.63
N ARG A 93 -15.08 -13.66 -13.38
CA ARG A 93 -16.34 -13.57 -12.61
C ARG A 93 -15.99 -13.29 -11.14
N VAL A 94 -16.51 -12.18 -10.67
CA VAL A 94 -16.39 -11.75 -9.24
C VAL A 94 -17.82 -11.76 -8.74
N PRO A 95 -18.10 -12.53 -7.67
CA PRO A 95 -19.45 -12.50 -7.15
C PRO A 95 -19.85 -11.11 -6.71
N ASN A 96 -21.16 -10.85 -6.71
CA ASN A 96 -21.69 -9.56 -6.22
C ASN A 96 -21.88 -9.72 -4.70
N TYR A 97 -20.78 -9.63 -3.90
CA TYR A 97 -20.77 -9.92 -2.45
C TYR A 97 -21.82 -9.07 -1.75
N ASN A 98 -22.64 -9.74 -0.94
CA ASN A 98 -23.65 -9.08 -0.11
C ASN A 98 -22.99 -8.26 1.02
N LEU A 99 -21.85 -8.76 1.54
CA LEU A 99 -21.15 -8.09 2.63
C LEU A 99 -19.67 -7.99 2.23
N ASN A 100 -19.15 -6.76 2.31
CA ASN A 100 -17.81 -6.42 1.87
C ASN A 100 -17.03 -5.88 3.07
N ILE A 101 -16.08 -6.65 3.55
CA ILE A 101 -15.28 -6.26 4.73
C ILE A 101 -13.87 -5.90 4.31
N MET A 102 -13.42 -4.67 4.57
CA MET A 102 -12.02 -4.30 4.22
C MET A 102 -11.28 -4.10 5.53
N ASP A 103 -10.26 -4.93 5.77
CA ASP A 103 -9.35 -4.69 6.92
C ASP A 103 -8.25 -3.73 6.47
N GLU A 104 -7.72 -3.01 7.43
CA GLU A 104 -6.70 -1.94 7.22
C GLU A 104 -7.20 -1.04 6.09
N ALA A 105 -8.42 -0.51 6.21
CA ALA A 105 -9.14 0.23 5.18
C ALA A 105 -8.61 1.66 4.97
N HIS A 106 -7.53 2.02 5.66
CA HIS A 106 -6.81 3.27 5.37
C HIS A 106 -5.76 3.12 4.27
N PHE A 107 -5.51 1.93 3.78
CA PHE A 107 -4.42 1.66 2.85
C PHE A 107 -4.59 2.56 1.63
N THR A 108 -3.53 3.29 1.27
CA THR A 108 -3.65 4.31 0.21
C THR A 108 -3.02 3.82 -1.11
N ASP A 109 -2.80 2.54 -1.27
CA ASP A 109 -2.38 2.04 -2.59
C ASP A 109 -3.54 2.19 -3.55
N PRO A 110 -3.30 2.48 -4.85
CA PRO A 110 -4.36 2.72 -5.82
C PRO A 110 -5.40 1.62 -5.82
N SER A 111 -5.01 0.36 -5.75
CA SER A 111 -6.00 -0.72 -5.79
C SER A 111 -6.91 -0.71 -4.56
N SER A 112 -6.41 -0.26 -3.41
CA SER A 112 -7.21 -0.22 -2.17
C SER A 112 -8.22 0.93 -2.28
N ILE A 113 -7.73 2.09 -2.73
CA ILE A 113 -8.62 3.26 -2.93
C ILE A 113 -9.73 2.86 -3.92
N ALA A 114 -9.37 2.23 -5.03
CA ALA A 114 -10.35 1.80 -6.05
C ALA A 114 -11.35 0.83 -5.43
N ALA A 115 -10.90 -0.15 -4.68
CA ALA A 115 -11.78 -1.14 -4.04
C ALA A 115 -12.78 -0.37 -3.16
N ARG A 116 -12.34 0.60 -2.37
CA ARG A 116 -13.27 1.35 -1.50
C ARG A 116 -14.30 2.05 -2.34
N GLY A 117 -13.92 2.65 -3.44
CA GLY A 117 -14.83 3.35 -4.34
C GLY A 117 -15.87 2.41 -4.90
N TYR A 118 -15.44 1.27 -5.40
CA TYR A 118 -16.34 0.25 -5.96
C TYR A 118 -17.31 -0.21 -4.86
N ILE A 119 -16.82 -0.60 -3.70
CA ILE A 119 -17.66 -1.15 -2.62
C ILE A 119 -18.63 -0.06 -2.14
N SER A 120 -18.15 1.16 -1.86
CA SER A 120 -19.02 2.23 -1.32
C SER A 120 -20.06 2.57 -2.37
N THR A 121 -19.78 2.52 -3.66
CA THR A 121 -20.80 2.82 -4.69
C THR A 121 -21.83 1.68 -4.70
N ARG A 122 -21.43 0.42 -4.54
CA ARG A 122 -22.45 -0.67 -4.48
C ARG A 122 -23.34 -0.45 -3.28
N VAL A 123 -22.81 -0.01 -2.14
CA VAL A 123 -23.61 0.25 -0.92
C VAL A 123 -24.55 1.40 -1.23
N GLU A 124 -24.07 2.48 -1.84
CA GLU A 124 -24.94 3.65 -2.15
C GLU A 124 -26.08 3.23 -3.09
N MET A 125 -25.84 2.35 -4.06
CA MET A 125 -26.86 1.83 -5.00
C MET A 125 -27.90 0.94 -4.29
N GLY A 126 -27.66 0.52 -3.05
CA GLY A 126 -28.61 -0.29 -2.25
C GLY A 126 -28.42 -1.77 -2.44
N GLU A 127 -27.29 -2.19 -3.04
CA GLU A 127 -26.99 -3.54 -3.54
C GLU A 127 -26.27 -4.37 -2.47
N ALA A 128 -25.67 -3.75 -1.46
CA ALA A 128 -24.68 -4.41 -0.59
C ALA A 128 -24.50 -3.68 0.73
N ALA A 129 -23.80 -4.34 1.62
CA ALA A 129 -23.33 -3.80 2.89
C ALA A 129 -21.81 -3.81 2.87
N ALA A 130 -21.24 -2.95 3.70
CA ALA A 130 -19.77 -2.93 3.82
C ALA A 130 -19.34 -2.52 5.21
N ILE A 131 -18.21 -3.04 5.63
CA ILE A 131 -17.57 -2.66 6.88
C ILE A 131 -16.12 -2.30 6.54
N PHE A 132 -15.72 -1.09 6.86
CA PHE A 132 -14.32 -0.64 6.69
C PHE A 132 -13.66 -0.62 8.06
N MET A 133 -12.68 -1.46 8.28
CA MET A 133 -12.01 -1.57 9.60
C MET A 133 -10.71 -0.77 9.50
N THR A 134 -10.63 0.31 10.29
CA THR A 134 -9.38 1.08 10.46
C THR A 134 -9.60 2.04 11.66
N ALA A 135 -8.50 2.19 12.38
CA ALA A 135 -8.36 3.23 13.42
C ALA A 135 -8.33 4.64 12.84
N THR A 136 -7.97 4.77 11.56
CA THR A 136 -7.68 6.09 10.97
C THR A 136 -8.46 6.18 9.69
N PRO A 137 -9.78 6.42 9.75
CA PRO A 137 -10.55 6.64 8.53
C PRO A 137 -10.09 7.84 7.72
N PRO A 138 -10.41 8.05 6.40
CA PRO A 138 -9.91 9.24 5.68
C PRO A 138 -10.26 10.59 6.29
N GLY A 139 -9.33 11.53 6.29
CA GLY A 139 -9.64 12.86 6.82
C GLY A 139 -9.52 12.89 8.32
N THR A 140 -9.09 11.78 8.93
CA THR A 140 -8.81 11.80 10.38
C THR A 140 -7.73 12.87 10.61
N ARG A 141 -7.89 13.65 11.64
CA ARG A 141 -7.02 14.80 12.02
C ARG A 141 -6.28 14.51 13.31
N ASP A 142 -6.41 13.30 13.82
CA ASP A 142 -5.86 12.97 15.16
C ASP A 142 -4.64 12.03 15.03
N ALA A 143 -3.45 12.56 15.15
CA ALA A 143 -2.22 11.71 15.06
C ALA A 143 -1.96 10.94 16.34
N PHE A 144 -2.68 11.22 17.42
CA PHE A 144 -2.40 10.63 18.76
C PHE A 144 -3.62 9.97 19.37
N PRO A 145 -4.18 8.96 18.67
CA PRO A 145 -5.35 8.25 19.19
C PRO A 145 -5.02 7.45 20.44
N ASP A 146 -6.10 6.96 21.05
CA ASP A 146 -5.96 6.06 22.22
C ASP A 146 -5.20 4.79 21.84
N SER A 147 -4.67 4.12 22.87
CA SER A 147 -3.85 2.91 22.73
C SER A 147 -4.22 1.95 23.87
N ASN A 148 -3.83 0.71 23.72
CA ASN A 148 -4.05 -0.30 24.80
C ASN A 148 -3.26 0.09 26.04
N SER A 149 -2.12 0.77 25.87
CA SER A 149 -1.18 1.10 26.95
C SER A 149 -0.70 2.53 26.79
N PRO A 150 -0.46 3.31 27.85
CA PRO A 150 0.04 4.66 27.68
C PRO A 150 1.33 4.72 26.87
N ILE A 151 1.41 5.70 25.98
CA ILE A 151 2.62 5.96 25.13
C ILE A 151 3.31 7.25 25.62
N MET A 152 4.64 7.25 25.63
CA MET A 152 5.45 8.49 25.85
C MET A 152 5.71 9.13 24.48
N ASP A 153 4.98 10.19 24.17
CA ASP A 153 5.15 10.98 22.90
C ASP A 153 6.22 12.05 23.08
N THR A 154 7.24 12.11 22.22
CA THR A 154 8.28 13.16 22.30
C THR A 154 8.57 13.68 20.89
N GLU A 155 8.45 14.98 20.66
CA GLU A 155 8.89 15.67 19.45
C GLU A 155 10.39 15.86 19.54
N VAL A 156 11.14 15.33 18.60
CA VAL A 156 12.62 15.34 18.65
C VAL A 156 13.15 15.38 17.23
N GLU A 157 14.33 15.95 17.01
CA GLU A 157 14.99 15.83 15.72
C GLU A 157 15.43 14.39 15.49
N VAL A 158 15.04 13.87 14.36
CA VAL A 158 15.32 12.44 13.99
C VAL A 158 16.29 12.48 12.83
N PRO A 159 17.43 11.76 12.89
CA PRO A 159 18.31 11.77 11.76
C PRO A 159 17.67 11.14 10.52
N GLU A 160 17.96 11.65 9.34
CA GLU A 160 17.51 11.14 8.02
C GLU A 160 18.75 10.79 7.16
N ARG A 161 19.92 10.88 7.80
CA ARG A 161 21.22 10.56 7.18
C ARG A 161 22.08 9.90 8.23
N ALA A 162 23.16 9.30 7.80
CA ALA A 162 24.19 8.77 8.73
C ALA A 162 24.62 9.88 9.68
N TRP A 163 24.87 9.56 10.91
CA TRP A 163 25.31 10.52 11.94
C TRP A 163 26.49 9.95 12.72
N SER A 164 27.28 10.85 13.31
CA SER A 164 28.50 10.53 14.10
C SER A 164 28.31 11.00 15.55
N SER A 165 27.43 11.96 15.77
CA SER A 165 27.24 12.62 17.08
C SER A 165 25.87 13.28 17.12
N GLY A 166 25.42 13.58 18.33
CA GLY A 166 24.25 14.44 18.55
C GLY A 166 22.91 13.71 18.59
N PHE A 167 22.94 12.37 18.44
CA PHE A 167 21.71 11.55 18.52
C PHE A 167 21.91 10.34 19.43
N ASP A 168 22.62 10.50 20.55
CA ASP A 168 22.98 9.34 21.39
C ASP A 168 21.72 8.57 21.81
N TRP A 169 20.58 9.26 21.97
CA TRP A 169 19.31 8.64 22.42
C TRP A 169 18.92 7.52 21.46
N VAL A 170 19.32 7.61 20.23
CA VAL A 170 18.92 6.57 19.22
C VAL A 170 19.56 5.24 19.59
N THR A 171 20.86 5.25 19.84
CA THR A 171 21.64 4.01 20.00
C THR A 171 21.74 3.64 21.47
N ASP A 172 21.45 4.54 22.39
CA ASP A 172 21.58 4.22 23.84
C ASP A 172 20.47 3.28 24.30
N HIS A 173 19.40 3.12 23.57
CA HIS A 173 18.22 2.31 23.91
C HIS A 173 18.49 0.81 23.85
N SER A 174 17.98 0.04 24.80
CA SER A 174 18.30 -1.40 24.91
C SER A 174 17.16 -2.24 24.38
N GLY A 175 16.06 -1.62 23.97
CA GLY A 175 14.92 -2.38 23.44
C GLY A 175 14.93 -2.50 21.94
N LYS A 176 13.74 -2.68 21.41
CA LYS A 176 13.51 -2.90 19.97
C LYS A 176 12.77 -1.69 19.44
N THR A 177 13.26 -1.17 18.33
CA THR A 177 12.74 0.05 17.69
C THR A 177 12.26 -0.24 16.27
N VAL A 178 11.09 0.27 15.97
CA VAL A 178 10.60 0.37 14.57
C VAL A 178 10.77 1.82 14.07
N TRP A 179 11.53 2.01 13.00
CA TRP A 179 11.89 3.36 12.52
C TRP A 179 11.33 3.54 11.14
N PHE A 180 10.38 4.44 11.00
CA PHE A 180 9.72 4.77 9.70
C PHE A 180 10.54 5.87 9.00
N VAL A 181 10.96 5.50 7.80
CA VAL A 181 11.73 6.32 6.84
C VAL A 181 10.85 6.63 5.63
N PRO A 182 11.21 7.71 4.89
CA PRO A 182 10.44 8.03 3.69
C PRO A 182 10.75 7.23 2.44
N SER A 183 11.88 6.54 2.38
CA SER A 183 12.25 5.83 1.15
C SER A 183 13.16 4.69 1.49
N VAL A 184 13.20 3.74 0.58
CA VAL A 184 14.21 2.67 0.65
C VAL A 184 15.63 3.22 0.73
N ARG A 185 16.03 4.15 -0.13
CA ARG A 185 17.43 4.64 -0.15
C ARG A 185 17.74 5.30 1.19
N ASN A 186 16.85 6.13 1.73
N ASN A 186 16.76 6.03 1.68
CA ASN A 186 17.19 6.76 3.03
CA ASN A 186 16.95 6.71 2.96
C ASN A 186 17.25 5.65 4.11
C ASN A 186 17.19 5.67 4.07
N GLY A 187 16.35 4.67 4.10
CA GLY A 187 16.49 3.57 5.07
C GLY A 187 17.81 2.87 4.95
N ASN A 188 18.31 2.71 3.73
CA ASN A 188 19.58 1.98 3.53
C ASN A 188 20.71 2.73 4.23
N GLU A 189 20.72 4.06 4.16
CA GLU A 189 21.80 4.85 4.77
C GLU A 189 21.67 4.74 6.30
N ILE A 190 20.46 4.87 6.85
CA ILE A 190 20.31 4.82 8.32
C ILE A 190 20.66 3.39 8.80
N ALA A 191 20.20 2.41 8.04
CA ALA A 191 20.51 0.99 8.40
C ALA A 191 22.01 0.75 8.44
N ALA A 192 22.73 1.28 7.45
CA ALA A 192 24.20 1.06 7.40
C ALA A 192 24.86 1.74 8.61
N CYS A 193 24.39 2.93 9.00
CA CYS A 193 24.93 3.66 10.15
C CYS A 193 24.68 2.86 11.43
N LEU A 194 23.44 2.33 11.60
CA LEU A 194 23.12 1.49 12.78
C LEU A 194 23.97 0.21 12.80
N THR A 195 24.15 -0.43 11.67
CA THR A 195 24.93 -1.68 11.57
C THR A 195 26.36 -1.37 12.00
N LYS A 196 26.91 -0.27 11.52
CA LYS A 196 28.29 0.12 11.88
C LYS A 196 28.40 0.35 13.39
N ALA A 197 27.33 0.76 14.08
CA ALA A 197 27.28 0.99 15.53
C ALA A 197 26.95 -0.30 16.32
N GLY A 198 26.92 -1.43 15.64
CA GLY A 198 26.76 -2.77 16.22
C GLY A 198 25.33 -3.23 16.37
N LYS A 199 24.41 -2.54 15.70
CA LYS A 199 23.00 -2.92 15.82
C LYS A 199 22.65 -3.92 14.73
N ARG A 200 21.66 -4.73 15.03
CA ARG A 200 21.08 -5.71 14.11
C ARG A 200 19.83 -5.11 13.50
N VAL A 201 19.88 -4.93 12.18
CA VAL A 201 18.83 -4.15 11.50
C VAL A 201 18.15 -5.00 10.44
N ILE A 202 16.84 -5.02 10.44
CA ILE A 202 16.02 -5.57 9.33
C ILE A 202 15.42 -4.39 8.56
N GLN A 203 15.43 -4.45 7.24
CA GLN A 203 14.81 -3.43 6.36
C GLN A 203 13.57 -3.99 5.71
N LEU A 204 12.47 -3.24 5.69
CA LEU A 204 11.20 -3.58 5.04
C LEU A 204 10.78 -2.50 4.06
N SER A 205 10.25 -2.91 2.93
CA SER A 205 9.62 -2.01 1.95
C SER A 205 8.62 -2.85 1.19
N ARG A 206 7.85 -2.21 0.32
CA ARG A 206 6.77 -2.97 -0.36
CA ARG A 206 6.78 -2.89 -0.47
C ARG A 206 7.29 -4.19 -1.12
N LYS A 207 8.41 -4.12 -1.81
CA LYS A 207 8.85 -5.29 -2.63
C LYS A 207 9.39 -6.43 -1.75
N THR A 208 9.86 -6.17 -0.55
CA THR A 208 10.53 -7.20 0.27
C THR A 208 9.66 -7.62 1.45
N PHE A 209 8.55 -6.91 1.66
CA PHE A 209 7.86 -7.02 2.95
C PHE A 209 7.45 -8.47 3.15
N GLU A 210 6.84 -9.04 2.10
CA GLU A 210 6.03 -10.26 2.20
C GLU A 210 6.97 -11.39 2.60
N THR A 211 8.29 -11.29 2.29
CA THR A 211 9.34 -12.30 2.65
C THR A 211 10.25 -11.84 3.79
N GLU A 212 10.61 -10.54 3.95
CA GLU A 212 11.55 -10.04 5.00
C GLU A 212 10.85 -9.90 6.37
N PHE A 213 9.54 -9.68 6.41
CA PHE A 213 8.83 -9.54 7.70
C PHE A 213 9.06 -10.79 8.57
N GLN A 214 9.19 -11.96 7.96
CA GLN A 214 9.43 -13.20 8.73
C GLN A 214 10.70 -13.07 9.56
N LYS A 215 11.67 -12.31 9.09
CA LYS A 215 12.93 -12.17 9.87
C LYS A 215 12.64 -11.56 11.23
N THR A 216 11.60 -10.72 11.34
CA THR A 216 11.26 -10.08 12.63
C THR A 216 10.84 -11.10 13.68
N LYS A 217 10.43 -12.28 13.22
CA LYS A 217 10.04 -13.42 14.09
C LYS A 217 11.22 -14.36 14.29
N ASN A 218 12.05 -14.58 13.27
CA ASN A 218 13.04 -15.69 13.27
C ASN A 218 14.42 -15.25 13.75
N GLN A 219 14.71 -13.94 13.77
CA GLN A 219 16.05 -13.37 14.05
C GLN A 219 15.93 -12.43 15.24
N GLU A 220 16.98 -12.34 16.08
CA GLU A 220 17.02 -11.24 17.08
C GLU A 220 17.35 -9.99 16.25
N TRP A 221 16.74 -8.89 16.63
CA TRP A 221 16.98 -7.60 15.94
C TRP A 221 16.84 -6.52 16.98
N ASP A 222 17.46 -5.39 16.67
CA ASP A 222 17.41 -4.18 17.50
C ASP A 222 16.56 -3.11 16.80
N PHE A 223 16.65 -3.03 15.49
CA PHE A 223 15.89 -2.03 14.69
C PHE A 223 15.24 -2.70 13.49
N VAL A 224 13.99 -2.34 13.23
CA VAL A 224 13.34 -2.47 11.91
C VAL A 224 13.33 -1.10 11.27
N ILE A 225 13.90 -1.00 10.09
CA ILE A 225 13.85 0.22 9.24
C ILE A 225 12.85 -0.02 8.13
N THR A 226 11.77 0.73 8.13
CA THR A 226 10.61 0.42 7.30
C THR A 226 10.14 1.67 6.61
N THR A 227 9.62 1.48 5.39
CA THR A 227 8.82 2.52 4.75
C THR A 227 7.41 2.44 5.32
N ASP A 228 6.52 3.21 4.71
CA ASP A 228 5.09 3.29 5.05
C ASP A 228 4.33 1.96 4.87
N ILE A 229 4.92 0.94 4.25
CA ILE A 229 4.16 -0.35 4.15
C ILE A 229 3.84 -0.95 5.54
N SER A 230 4.59 -0.56 6.58
CA SER A 230 4.31 -1.12 7.93
C SER A 230 3.19 -0.38 8.65
N GLU A 231 2.56 0.60 8.01
CA GLU A 231 1.30 1.20 8.49
C GLU A 231 0.09 0.28 8.33
N MET A 232 0.23 -0.85 7.62
CA MET A 232 -0.95 -1.70 7.25
C MET A 232 -0.97 -3.03 8.03
N GLY A 233 -1.07 -2.96 9.33
CA GLY A 233 -1.37 -4.12 10.19
C GLY A 233 -0.13 -4.93 10.52
N ALA A 234 1.07 -4.45 10.18
CA ALA A 234 2.36 -5.07 10.57
C ALA A 234 2.50 -5.02 12.07
N ASN A 235 2.63 -6.16 12.75
CA ASN A 235 2.71 -6.22 14.24
C ASN A 235 4.16 -6.58 14.58
N PHE A 236 4.74 -5.83 15.52
CA PHE A 236 6.13 -6.00 15.98
C PHE A 236 6.11 -6.16 17.50
N LYS A 237 7.08 -6.83 18.04
CA LYS A 237 7.18 -6.88 19.52
C LYS A 237 8.18 -5.80 19.88
N ALA A 238 7.78 -4.55 19.83
CA ALA A 238 8.72 -3.41 19.93
C ALA A 238 8.37 -2.56 21.13
N ASP A 239 9.32 -1.76 21.59
CA ASP A 239 8.98 -0.81 22.66
C ASP A 239 9.22 0.64 22.26
N ARG A 240 9.60 0.89 21.01
CA ARG A 240 9.81 2.28 20.58
C ARG A 240 9.54 2.38 19.08
N VAL A 241 8.89 3.45 18.70
CA VAL A 241 8.82 3.88 17.28
C VAL A 241 9.61 5.18 17.16
N ILE A 242 10.48 5.22 16.16
CA ILE A 242 11.13 6.46 15.68
C ILE A 242 10.41 6.78 14.39
N ASP A 243 9.87 7.97 14.27
CA ASP A 243 9.10 8.36 13.10
C ASP A 243 9.68 9.62 12.54
N SER A 244 10.32 9.53 11.38
CA SER A 244 10.77 10.69 10.62
C SER A 244 9.59 11.66 10.41
N ARG A 245 8.36 11.15 10.37
CA ARG A 245 7.12 11.83 9.98
C ARG A 245 7.20 12.32 8.52
N ARG A 246 7.98 11.59 7.71
CA ARG A 246 8.18 12.00 6.30
C ARG A 246 7.88 10.83 5.37
N CYS A 247 7.47 11.24 4.18
CA CYS A 247 7.13 10.29 3.09
C CYS A 247 7.53 10.93 1.79
N LEU A 248 7.50 10.13 0.74
CA LEU A 248 7.56 10.64 -0.63
C LEU A 248 6.13 10.65 -1.19
N LYS A 249 5.88 11.62 -2.04
CA LYS A 249 4.52 11.84 -2.62
C LYS A 249 4.68 11.76 -4.13
N PRO A 250 4.14 10.73 -4.80
CA PRO A 250 4.19 10.71 -6.25
C PRO A 250 3.25 11.81 -6.74
N VAL A 251 3.75 12.64 -7.67
CA VAL A 251 3.02 13.80 -8.20
C VAL A 251 3.10 13.74 -9.73
N ILE A 252 1.94 13.84 -10.36
CA ILE A 252 1.87 13.95 -11.84
C ILE A 252 2.12 15.43 -12.19
N LEU A 253 3.24 15.74 -12.89
CA LEU A 253 3.60 17.13 -13.35
C LEU A 253 3.06 17.39 -14.76
N ASP A 254 2.31 18.48 -14.98
CA ASP A 254 1.77 18.85 -16.33
C ASP A 254 1.18 17.67 -17.10
N GLY A 255 0.43 16.79 -16.41
CA GLY A 255 -0.10 15.53 -16.94
C GLY A 255 0.92 14.74 -17.76
N GLU A 256 2.23 14.96 -17.59
CA GLU A 256 3.19 14.39 -18.59
C GLU A 256 4.24 13.47 -17.96
N ARG A 257 4.52 13.55 -16.63
CA ARG A 257 5.59 12.75 -15.98
C ARG A 257 5.21 12.65 -14.50
N VAL A 258 5.72 11.63 -13.82
CA VAL A 258 5.52 11.46 -12.35
C VAL A 258 6.84 11.61 -11.67
N ILE A 259 6.87 12.48 -10.67
CA ILE A 259 8.06 12.68 -9.80
C ILE A 259 7.72 12.14 -8.42
N LEU A 260 8.73 11.80 -7.66
CA LEU A 260 8.58 11.49 -6.23
C LEU A 260 8.97 12.74 -5.45
N ALA A 261 8.01 13.53 -5.09
CA ALA A 261 8.21 14.81 -4.41
C ALA A 261 8.48 14.55 -2.92
N GLY A 262 9.29 15.43 -2.38
CA GLY A 262 9.54 15.44 -0.94
C GLY A 262 10.97 15.01 -0.65
N PRO A 263 11.28 14.39 0.48
CA PRO A 263 10.29 14.00 1.47
C PRO A 263 9.52 15.15 2.08
N MET A 264 8.34 14.83 2.50
CA MET A 264 7.42 15.86 3.05
C MET A 264 6.59 15.20 4.17
N PRO A 265 5.78 15.96 4.87
CA PRO A 265 5.08 15.44 6.04
C PRO A 265 4.08 14.36 5.65
N VAL A 266 3.94 13.44 6.56
CA VAL A 266 2.89 12.40 6.50
C VAL A 266 1.53 12.98 6.85
N THR A 267 0.45 12.29 6.47
CA THR A 267 -0.87 12.60 6.97
C THR A 267 -1.01 12.29 8.44
N HIS A 268 -2.06 12.82 9.06
CA HIS A 268 -2.37 12.44 10.44
C HIS A 268 -2.63 10.93 10.57
N ALA A 269 -3.33 10.37 9.56
CA ALA A 269 -3.67 8.93 9.61
C ALA A 269 -2.39 8.12 9.61
N SER A 270 -1.45 8.47 8.76
CA SER A 270 -0.15 7.77 8.63
C SER A 270 0.60 7.87 9.96
N ALA A 271 0.67 9.08 10.52
CA ALA A 271 1.39 9.28 11.80
C ALA A 271 0.75 8.40 12.88
N ALA A 272 -0.58 8.39 12.94
CA ALA A 272 -1.29 7.58 13.95
C ALA A 272 -1.01 6.10 13.76
N GLN A 273 -0.97 5.61 12.54
CA GLN A 273 -0.66 4.20 12.29
C GLN A 273 0.79 3.87 12.64
N ARG A 274 1.73 4.75 12.35
CA ARG A 274 3.14 4.55 12.69
C ARG A 274 3.25 4.45 14.23
N ARG A 275 2.75 5.45 14.91
CA ARG A 275 2.77 5.43 16.39
C ARG A 275 2.06 4.17 16.90
N GLY A 276 1.01 3.75 16.23
CA GLY A 276 0.16 2.64 16.64
C GLY A 276 0.84 1.33 16.54
N ARG A 277 2.09 1.27 16.10
CA ARG A 277 2.89 0.02 16.15
C ARG A 277 3.19 -0.30 17.62
N ILE A 278 3.21 0.71 18.49
CA ILE A 278 3.55 0.49 19.93
C ILE A 278 2.40 0.94 20.80
N GLY A 279 2.54 0.72 22.10
CA GLY A 279 1.43 0.96 23.05
C GLY A 279 0.37 -0.13 22.95
N ARG A 280 0.70 -1.28 22.37
CA ARG A 280 -0.32 -2.33 22.09
C ARG A 280 -0.51 -3.28 23.26
N ASN A 281 0.37 -3.28 24.25
CA ASN A 281 0.36 -4.34 25.29
C ASN A 281 -0.01 -3.63 26.59
N PRO A 282 -1.22 -3.85 27.16
CA PRO A 282 -1.61 -3.13 28.38
C PRO A 282 -0.70 -3.48 29.60
N ASN A 283 0.10 -4.54 29.45
CA ASN A 283 1.07 -4.97 30.50
C ASN A 283 2.43 -4.31 30.32
N LYS A 284 2.58 -3.48 29.30
CA LYS A 284 3.87 -2.82 29.02
C LYS A 284 3.60 -1.35 28.77
N PRO A 285 3.23 -0.55 29.80
CA PRO A 285 3.09 0.89 29.63
C PRO A 285 4.43 1.56 29.35
N GLY A 286 4.40 2.70 28.66
CA GLY A 286 5.59 3.56 28.50
C GLY A 286 6.41 3.19 27.28
N ASP A 287 5.83 2.48 26.33
CA ASP A 287 6.45 2.48 24.99
C ASP A 287 6.61 3.91 24.51
N GLU A 288 7.65 4.17 23.73
CA GLU A 288 8.02 5.50 23.27
C GLU A 288 7.67 5.71 21.79
N TYR A 289 7.25 6.92 21.49
CA TYR A 289 7.04 7.42 20.12
C TYR A 289 7.82 8.72 19.95
N MET A 290 8.92 8.66 19.20
CA MET A 290 9.80 9.82 18.98
C MET A 290 9.49 10.31 17.57
N TYR A 291 9.03 11.53 17.40
CA TYR A 291 8.56 12.00 16.07
C TYR A 291 9.28 13.26 15.67
N GLY A 292 9.69 13.31 14.41
CA GLY A 292 10.64 14.32 13.87
C GLY A 292 10.03 15.37 12.99
N GLY A 293 8.73 15.58 13.01
CA GLY A 293 8.12 16.59 12.14
C GLY A 293 6.64 16.61 12.39
N GLY A 294 5.98 17.56 11.82
CA GLY A 294 4.52 17.68 11.87
C GLY A 294 3.81 16.86 10.80
N CYS A 295 2.49 16.88 10.84
CA CYS A 295 1.68 16.24 9.79
C CYS A 295 1.14 17.28 8.82
N ALA A 296 0.74 16.82 7.65
CA ALA A 296 0.04 17.70 6.70
C ALA A 296 -0.80 16.82 5.78
N GLU A 297 -1.81 17.35 5.09
N GLU A 297 -1.59 17.48 4.91
CA GLU A 297 -2.64 16.43 4.27
CA GLU A 297 -2.57 16.82 3.99
C GLU A 297 -2.01 16.32 2.87
C GLU A 297 -1.88 16.42 2.68
N THR A 298 -0.92 15.53 2.78
CA THR A 298 -0.04 15.31 1.60
C THR A 298 -0.68 14.27 0.66
N ASP A 299 -1.86 13.77 1.01
CA ASP A 299 -2.63 12.90 0.09
CA ASP A 299 -2.67 12.90 0.13
C ASP A 299 -3.37 13.78 -0.93
N GLU A 300 -3.48 15.08 -0.66
CA GLU A 300 -4.11 16.00 -1.65
C GLU A 300 -3.25 16.12 -2.89
N GLY A 301 -3.77 15.69 -4.02
CA GLY A 301 -3.03 15.71 -5.28
C GLY A 301 -1.99 14.62 -5.41
N HIS A 302 -2.05 13.64 -4.52
CA HIS A 302 -1.16 12.47 -4.57
C HIS A 302 -1.60 11.57 -5.75
N ALA A 303 -0.66 11.11 -6.52
CA ALA A 303 -0.94 10.32 -7.73
C ALA A 303 -1.79 9.10 -7.41
N HIS A 304 -1.73 8.53 -6.21
CA HIS A 304 -2.49 7.28 -6.01
C HIS A 304 -3.99 7.50 -6.23
N TRP A 305 -4.54 8.65 -5.87
CA TRP A 305 -5.99 8.90 -6.00
C TRP A 305 -6.36 9.09 -7.49
N LEU A 306 -5.50 9.68 -8.30
CA LEU A 306 -5.73 9.74 -9.77
C LEU A 306 -5.63 8.32 -10.32
N GLU A 307 -4.60 7.55 -9.91
CA GLU A 307 -4.47 6.16 -10.36
C GLU A 307 -5.70 5.37 -9.96
N ALA A 308 -6.25 5.57 -8.77
CA ALA A 308 -7.52 4.87 -8.43
C ALA A 308 -8.68 5.22 -9.37
N ARG A 309 -8.74 6.46 -9.83
CA ARG A 309 -9.73 6.80 -10.87
C ARG A 309 -9.44 6.08 -12.19
N MET A 310 -8.17 5.93 -12.57
CA MET A 310 -7.86 5.17 -13.78
C MET A 310 -8.33 3.73 -13.61
N LEU A 311 -8.24 3.14 -12.43
CA LEU A 311 -8.72 1.76 -12.24
C LEU A 311 -10.25 1.73 -12.31
N LEU A 312 -10.89 2.60 -11.54
CA LEU A 312 -12.36 2.55 -11.41
C LEU A 312 -13.01 2.86 -12.74
N ASP A 313 -12.45 3.75 -13.57
CA ASP A 313 -13.03 4.03 -14.90
C ASP A 313 -13.01 2.78 -15.76
N ASN A 314 -12.24 1.73 -15.43
CA ASN A 314 -12.09 0.51 -16.27
C ASN A 314 -12.71 -0.70 -15.61
N ILE A 315 -13.54 -0.50 -14.60
CA ILE A 315 -14.24 -1.60 -13.89
C ILE A 315 -15.73 -1.47 -14.27
N TYR A 316 -16.29 -2.57 -14.76
CA TYR A 316 -17.75 -2.61 -15.02
C TYR A 316 -18.53 -2.55 -13.72
N LEU A 317 -19.54 -1.70 -13.67
CA LEU A 317 -20.45 -1.60 -12.51
C LEU A 317 -21.88 -1.97 -12.95
N GLN A 318 -22.41 -1.19 -13.88
CA GLN A 318 -23.78 -1.37 -14.44
C GLN A 318 -23.91 -0.49 -15.68
N ASP A 319 -24.11 -1.12 -16.85
CA ASP A 319 -24.19 -0.40 -18.15
C ASP A 319 -22.96 0.48 -18.29
N GLY A 320 -23.12 1.77 -18.52
CA GLY A 320 -21.97 2.67 -18.63
C GLY A 320 -21.69 3.46 -17.37
N LEU A 321 -22.31 3.10 -16.24
CA LEU A 321 -22.09 3.83 -14.98
C LEU A 321 -20.65 3.55 -14.51
N ILE A 322 -20.12 4.47 -13.76
CA ILE A 322 -18.73 4.35 -13.23
C ILE A 322 -18.73 4.61 -11.74
N ALA A 323 -18.11 3.73 -10.97
CA ALA A 323 -18.03 3.87 -9.50
C ALA A 323 -17.31 5.16 -9.13
N SER A 324 -17.78 5.81 -8.10
CA SER A 324 -17.19 7.03 -7.51
C SER A 324 -16.18 6.63 -6.44
N LEU A 325 -15.14 7.44 -6.20
CA LEU A 325 -14.33 7.22 -5.00
C LEU A 325 -15.20 7.32 -3.76
N TYR A 326 -14.77 6.64 -2.71
CA TYR A 326 -15.41 6.73 -1.39
C TYR A 326 -15.44 8.21 -0.96
N ARG A 327 -16.60 8.72 -0.53
CA ARG A 327 -16.78 10.19 -0.48
C ARG A 327 -15.72 10.89 0.36
N PRO A 328 -15.36 10.40 1.54
CA PRO A 328 -14.39 11.11 2.35
C PRO A 328 -13.00 11.32 1.74
N GLU A 329 -12.64 10.53 0.73
CA GLU A 329 -11.31 10.71 0.09
C GLU A 329 -11.48 11.16 -1.38
N ALA A 330 -12.70 11.49 -1.84
CA ALA A 330 -12.92 11.83 -3.26
C ALA A 330 -12.31 13.18 -3.68
N ASP A 331 -12.12 14.14 -2.76
CA ASP A 331 -11.59 15.47 -3.13
C ASP A 331 -10.06 15.47 -3.20
N LYS A 332 -9.41 14.34 -3.03
CA LYS A 332 -7.92 14.28 -3.08
C LYS A 332 -7.50 14.27 -4.54
N VAL A 333 -8.44 14.15 -5.48
CA VAL A 333 -8.13 14.14 -6.93
C VAL A 333 -9.12 15.04 -7.67
N ALA A 334 -8.62 15.70 -8.72
CA ALA A 334 -9.43 16.47 -9.68
C ALA A 334 -9.29 15.73 -11.00
N ALA A 335 -10.25 14.88 -11.24
CA ALA A 335 -10.27 14.08 -12.48
C ALA A 335 -11.68 14.20 -13.02
N ILE A 336 -11.81 14.08 -14.33
CA ILE A 336 -13.15 14.00 -14.95
C ILE A 336 -13.58 12.52 -14.84
N GLU A 337 -14.61 12.17 -14.08
CA GLU A 337 -15.08 10.75 -14.05
C GLU A 337 -15.31 10.20 -15.48
N GLY A 338 -14.78 9.01 -15.74
CA GLY A 338 -14.82 8.37 -17.06
C GLY A 338 -13.71 8.81 -18.00
N GLU A 339 -12.86 9.80 -17.67
CA GLU A 339 -11.86 10.29 -18.64
C GLU A 339 -10.84 9.20 -18.95
N PHE A 340 -10.74 8.15 -18.13
CA PHE A 340 -9.69 7.13 -18.33
C PHE A 340 -10.31 5.83 -18.78
N LYS A 341 -11.61 5.83 -19.12
CA LYS A 341 -12.22 4.58 -19.62
C LYS A 341 -11.64 4.19 -20.97
N LEU A 342 -11.11 2.99 -21.02
CA LEU A 342 -10.49 2.45 -22.26
C LEU A 342 -11.41 1.45 -22.98
N ARG A 343 -11.26 1.42 -24.30
CA ARG A 343 -11.92 0.36 -25.12
C ARG A 343 -11.35 -1.00 -24.72
N THR A 344 -12.07 -2.07 -25.02
CA THR A 344 -11.74 -3.43 -24.58
C THR A 344 -10.24 -3.76 -24.78
N GLU A 345 -9.70 -3.55 -25.99
CA GLU A 345 -8.35 -4.05 -26.29
C GLU A 345 -7.30 -3.17 -25.55
N GLN A 346 -7.50 -1.85 -25.47
CA GLN A 346 -6.54 -0.99 -24.71
C GLN A 346 -6.66 -1.33 -23.22
N ARG A 347 -7.85 -1.65 -22.69
CA ARG A 347 -8.03 -2.08 -21.30
C ARG A 347 -7.24 -3.35 -21.04
N LYS A 348 -7.25 -4.32 -21.95
CA LYS A 348 -6.48 -5.55 -21.72
C LYS A 348 -5.01 -5.20 -21.63
N THR A 349 -4.54 -4.32 -22.48
CA THR A 349 -3.10 -3.94 -22.48
C THR A 349 -2.78 -3.28 -21.14
N PHE A 350 -3.65 -2.37 -20.70
CA PHE A 350 -3.49 -1.63 -19.42
C PHE A 350 -3.34 -2.62 -18.28
N VAL A 351 -4.24 -3.59 -18.20
CA VAL A 351 -4.21 -4.63 -17.18
C VAL A 351 -2.90 -5.42 -17.21
N GLU A 352 -2.52 -5.84 -18.41
CA GLU A 352 -1.30 -6.67 -18.53
C GLU A 352 -0.05 -5.87 -18.13
N LEU A 353 0.01 -4.61 -18.53
CA LEU A 353 1.15 -3.74 -18.11
C LEU A 353 1.25 -3.60 -16.58
N MET A 354 0.11 -3.61 -15.92
CA MET A 354 0.14 -3.58 -14.43
C MET A 354 0.45 -4.97 -13.86
N LYS A 355 -0.16 -6.01 -14.36
CA LYS A 355 -0.03 -7.36 -13.76
C LYS A 355 1.35 -7.95 -14.12
N ARG A 356 1.46 -8.39 -15.37
CA ARG A 356 2.75 -9.00 -15.80
C ARG A 356 3.82 -7.92 -15.89
N GLY A 357 3.48 -6.74 -16.38
CA GLY A 357 4.51 -5.70 -16.52
C GLY A 357 5.03 -5.14 -15.21
N ASP A 358 4.20 -5.21 -14.17
CA ASP A 358 4.55 -4.62 -12.84
C ASP A 358 4.84 -3.14 -12.98
N LEU A 359 4.16 -2.42 -13.87
CA LEU A 359 4.35 -0.96 -13.99
C LEU A 359 3.36 -0.24 -13.10
N PRO A 360 3.70 0.99 -12.66
CA PRO A 360 2.75 1.85 -11.98
C PRO A 360 1.49 2.03 -12.82
N VAL A 361 0.36 2.22 -12.17
CA VAL A 361 -0.92 2.43 -12.90
C VAL A 361 -0.76 3.56 -13.90
N TRP A 362 -0.30 4.73 -13.47
CA TRP A 362 -0.21 5.89 -14.36
C TRP A 362 0.58 5.53 -15.60
N LEU A 363 1.71 4.86 -15.45
CA LEU A 363 2.59 4.57 -16.59
C LEU A 363 1.93 3.53 -17.48
N ALA A 364 1.33 2.48 -16.94
CA ALA A 364 0.55 1.48 -17.71
C ALA A 364 -0.53 2.20 -18.51
N TYR A 365 -1.18 3.19 -17.90
CA TYR A 365 -2.25 3.89 -18.62
C TYR A 365 -1.70 4.68 -19.78
N GLN A 366 -0.56 5.35 -19.64
CA GLN A 366 -0.03 6.19 -20.73
C GLN A 366 0.29 5.29 -21.92
N VAL A 367 0.88 4.14 -21.69
CA VAL A 367 1.31 3.21 -22.75
C VAL A 367 0.06 2.64 -23.41
N ALA A 368 -0.90 2.17 -22.63
CA ALA A 368 -2.09 1.47 -23.19
C ALA A 368 -2.92 2.49 -23.97
N SER A 369 -3.11 3.68 -23.42
CA SER A 369 -3.94 4.73 -24.06
C SER A 369 -3.28 5.26 -25.34
N ALA A 370 -1.98 5.09 -25.52
CA ALA A 370 -1.26 5.45 -26.74
C ALA A 370 -1.44 4.39 -27.82
N GLY A 371 -2.13 3.29 -27.56
CA GLY A 371 -2.36 2.27 -28.59
C GLY A 371 -1.16 1.37 -28.77
N ILE A 372 -0.23 1.36 -27.80
CA ILE A 372 0.95 0.45 -27.82
C ILE A 372 0.59 -0.90 -27.24
N THR A 373 1.04 -1.97 -27.88
CA THR A 373 0.76 -3.32 -27.38
C THR A 373 1.77 -3.74 -26.29
N TYR A 374 1.40 -4.72 -25.49
CA TYR A 374 2.13 -5.00 -24.24
C TYR A 374 3.62 -5.27 -24.52
N THR A 375 3.95 -6.00 -25.58
CA THR A 375 5.34 -6.46 -25.86
C THR A 375 6.14 -5.42 -26.65
N ASP A 376 5.54 -4.30 -27.04
CA ASP A 376 6.21 -3.27 -27.86
C ASP A 376 6.92 -2.29 -26.93
N ARG A 377 8.23 -2.40 -26.83
CA ARG A 377 9.01 -1.63 -25.82
C ARG A 377 9.75 -0.47 -26.44
N ARG A 378 9.39 -0.11 -27.66
CA ARG A 378 10.07 1.02 -28.34
C ARG A 378 9.94 2.30 -27.54
N TRP A 379 8.83 2.49 -26.84
CA TRP A 379 8.61 3.67 -26.00
C TRP A 379 9.61 3.79 -24.88
N CYS A 380 10.32 2.71 -24.51
CA CYS A 380 11.28 2.80 -23.40
C CYS A 380 12.54 3.56 -23.79
N PHE A 381 12.68 3.87 -25.09
CA PHE A 381 13.94 4.42 -25.62
C PHE A 381 13.75 5.70 -26.41
N ASP A 382 12.55 6.16 -26.65
CA ASP A 382 12.35 7.27 -27.64
C ASP A 382 11.83 8.53 -26.94
N GLY A 383 12.04 8.66 -25.63
CA GLY A 383 11.63 9.86 -24.89
C GLY A 383 12.52 11.07 -25.13
N THR A 384 12.16 12.19 -24.49
CA THR A 384 13.00 13.42 -24.53
C THR A 384 14.26 13.19 -23.70
N THR A 385 15.25 14.05 -23.90
CA THR A 385 16.56 13.89 -23.25
C THR A 385 16.38 13.98 -21.74
N ASN A 386 15.48 14.84 -21.24
CA ASN A 386 15.30 15.05 -19.80
C ASN A 386 14.69 13.80 -19.17
N ASN A 387 14.25 12.84 -19.97
CA ASN A 387 13.64 11.58 -19.46
C ASN A 387 14.69 10.48 -19.38
N THR A 388 15.94 10.79 -19.67
CA THR A 388 17.04 9.81 -19.52
C THR A 388 17.14 9.29 -18.09
N ILE A 389 17.04 7.98 -17.88
CA ILE A 389 17.21 7.44 -16.52
C ILE A 389 18.70 7.26 -16.26
N MET A 390 19.14 7.63 -15.07
CA MET A 390 20.56 7.55 -14.69
C MET A 390 20.81 6.35 -13.78
N GLU A 391 21.98 5.74 -13.89
CA GLU A 391 22.51 4.67 -13.00
C GLU A 391 23.98 5.05 -12.69
N ASP A 392 24.26 5.31 -11.42
CA ASP A 392 25.58 5.80 -10.90
C ASP A 392 26.07 6.97 -11.75
N SER A 393 25.20 7.96 -11.93
CA SER A 393 25.49 9.29 -12.54
C SER A 393 25.91 9.18 -14.01
N VAL A 394 25.54 8.11 -14.75
CA VAL A 394 25.62 8.11 -16.25
C VAL A 394 24.33 7.45 -16.72
N PRO A 395 23.92 7.70 -17.97
CA PRO A 395 22.68 7.08 -18.44
C PRO A 395 22.69 5.57 -18.25
N ALA A 396 21.53 5.04 -17.77
CA ALA A 396 21.30 3.58 -17.70
C ALA A 396 21.14 3.07 -19.13
N GLU A 397 21.67 1.88 -19.34
CA GLU A 397 21.67 1.25 -20.68
C GLU A 397 21.19 -0.18 -20.54
N VAL A 398 20.54 -0.65 -21.61
CA VAL A 398 20.09 -2.07 -21.65
C VAL A 398 20.38 -2.58 -23.04
N TRP A 399 20.44 -3.89 -23.18
CA TRP A 399 20.36 -4.50 -24.50
C TRP A 399 18.89 -4.77 -24.80
N THR A 400 18.43 -4.16 -25.88
CA THR A 400 17.03 -4.32 -26.31
C THR A 400 16.84 -5.80 -26.70
N LYS A 401 15.59 -6.14 -26.92
CA LYS A 401 15.22 -7.47 -27.42
C LYS A 401 15.79 -7.69 -28.81
N TYR A 402 16.28 -6.64 -29.48
CA TYR A 402 16.89 -6.74 -30.82
C TYR A 402 18.39 -7.03 -30.73
N GLY A 403 18.94 -6.93 -29.52
CA GLY A 403 20.38 -7.11 -29.25
C GLY A 403 21.16 -5.84 -29.34
N GLU A 404 20.53 -4.68 -29.33
CA GLU A 404 21.16 -3.37 -29.52
C GLU A 404 21.34 -2.71 -28.14
N LYS A 405 22.51 -2.18 -27.78
CA LYS A 405 22.65 -1.45 -26.51
C LYS A 405 22.06 -0.07 -26.69
N ARG A 406 21.13 0.29 -25.83
CA ARG A 406 20.43 1.60 -25.91
C ARG A 406 20.26 2.22 -24.53
N VAL A 407 20.33 3.55 -24.51
CA VAL A 407 20.07 4.34 -23.30
C VAL A 407 18.60 4.23 -22.97
N LEU A 408 18.34 4.03 -21.72
CA LEU A 408 16.97 4.03 -21.19
C LEU A 408 16.44 5.46 -21.10
N LYS A 409 15.44 5.75 -21.87
CA LYS A 409 14.93 7.11 -22.05
C LYS A 409 13.47 6.99 -22.40
N PRO A 410 12.63 6.63 -21.39
CA PRO A 410 11.22 6.34 -21.69
C PRO A 410 10.42 7.54 -22.14
N ARG A 411 9.45 7.29 -22.99
CA ARG A 411 8.58 8.37 -23.54
C ARG A 411 7.76 9.00 -22.42
N TRP A 412 7.37 8.20 -21.44
CA TRP A 412 6.73 8.64 -20.17
C TRP A 412 7.64 8.24 -19.04
N MET A 413 7.97 9.24 -18.23
CA MET A 413 8.92 9.08 -17.10
C MET A 413 8.12 9.03 -15.78
N ASP A 414 8.12 7.87 -15.17
CA ASP A 414 7.55 7.67 -13.82
C ASP A 414 8.71 7.34 -12.89
N ALA A 415 8.99 8.23 -11.96
CA ALA A 415 10.12 8.10 -11.01
C ALA A 415 10.00 6.81 -10.20
N ARG A 416 8.83 6.21 -10.07
CA ARG A 416 8.70 4.95 -9.32
C ARG A 416 9.39 3.74 -9.99
N VAL A 417 9.67 3.83 -11.28
CA VAL A 417 10.34 2.72 -11.98
C VAL A 417 11.83 2.76 -11.68
N CYS A 418 12.38 3.77 -11.04
CA CYS A 418 13.84 3.78 -10.83
C CYS A 418 14.23 4.46 -9.51
N SER A 419 13.35 4.38 -8.52
CA SER A 419 13.54 5.10 -7.23
C SER A 419 14.62 4.42 -6.38
N ASP A 420 14.97 3.19 -6.69
CA ASP A 420 16.01 2.44 -5.94
C ASP A 420 16.60 1.42 -6.89
N HIS A 421 17.73 0.79 -6.54
CA HIS A 421 18.45 -0.17 -7.40
C HIS A 421 17.49 -1.26 -7.87
N ALA A 422 16.68 -1.82 -6.98
CA ALA A 422 15.83 -2.96 -7.31
C ALA A 422 14.78 -2.53 -8.33
N ALA A 423 14.20 -1.37 -8.15
CA ALA A 423 13.19 -0.84 -9.06
C ALA A 423 13.83 -0.70 -10.43
N LEU A 424 14.98 -0.01 -10.53
CA LEU A 424 15.62 0.22 -11.84
C LEU A 424 15.99 -1.13 -12.50
N LYS A 425 16.42 -2.11 -11.72
CA LYS A 425 16.79 -3.43 -12.29
C LYS A 425 15.54 -4.04 -12.91
N SER A 426 14.39 -3.91 -12.27
CA SER A 426 13.15 -4.47 -12.80
C SER A 426 12.74 -3.71 -14.08
N PHE A 427 12.85 -2.39 -14.08
CA PHE A 427 12.49 -1.62 -15.28
C PHE A 427 13.42 -1.91 -16.45
N LYS A 428 14.71 -2.09 -16.17
CA LYS A 428 15.68 -2.50 -17.20
C LYS A 428 15.24 -3.82 -17.82
N GLU A 429 14.86 -4.77 -17.01
CA GLU A 429 14.36 -6.07 -17.53
C GLU A 429 13.13 -5.87 -18.42
N PHE A 430 12.24 -4.99 -18.02
CA PHE A 430 11.03 -4.67 -18.81
C PHE A 430 11.43 -4.08 -20.13
N ALA A 431 12.32 -3.11 -20.14
CA ALA A 431 12.70 -2.40 -21.37
C ALA A 431 13.39 -3.35 -22.33
N ALA A 432 14.06 -4.37 -21.79
CA ALA A 432 14.79 -5.40 -22.55
C ALA A 432 13.87 -6.48 -23.09
N GLY A 433 12.58 -6.43 -22.82
CA GLY A 433 11.63 -7.46 -23.27
C GLY A 433 11.64 -8.70 -22.41
N LYS A 434 12.18 -8.69 -21.22
CA LYS A 434 12.41 -9.91 -20.42
C LYS A 434 11.18 -10.31 -19.65
N ARG A 435 10.10 -9.56 -19.70
CA ARG A 435 8.79 -10.00 -19.16
C ARG A 435 7.70 -9.28 -19.90
#